data_6OJK
#
_entry.id   6OJK
#
_cell.length_a   58.240
_cell.length_b   94.930
_cell.length_c   126.770
_cell.angle_alpha   90.00
_cell.angle_beta   90.00
_cell.angle_gamma   90.00
#
_symmetry.space_group_name_H-M   'P 21 21 21'
#
loop_
_entity.id
_entity.type
_entity.pdbx_description
1 polymer 'Periplasmic pectate lyase'
2 branched 'alpha-D-galactopyranuronic acid-(1-4)-alpha-D-galactopyranuronic acid-(1-4)-alpha-D-galactopyranuronic acid-(1-4)-alpha-D-galactopyranuronic acid'
3 non-polymer 1,2-ETHANEDIOL
4 water water
#
_entity_poly.entity_id   1
_entity_poly.type   'polypeptide(L)'
_entity_poly.pdbx_seq_one_letter_code
;MGSSHHHHHHSSGLVPRGSHMASADTDRLTVVKQYVDNVLNKASDTYHGDKPSPLLADGVDPRTGQQLEWIFPDGRRAVL
SNFSAQQNLMRVMSGLSQLSGDPRYQKRAEDIVRYHFQNYQDPSGLLYWGGHRFVDLKTLQPEGPSEKERVHELKNAYPY
YDLMFSVDSDATARFIRGFWNAHVYDWRILETSRHGEYGKPMGALWESKFEQQPPFFATKGLSFLNAGNDLIYSASLLYQ
HQQDQGALTWAKRLADQYVLPRDAKTGLGVYQFTQALKREEPTDDADTHSWFGDRAQRQFGPEFGPAALEGNMMLKGRTS
TLYSENALMQLQLGKDLGPQGQDLLKWTVDGLKAFAKYAYNDQDNTFRPMIANGQDLSNYTLPRDGYYGKKGTVLKPYKA
GNEFLISYARAYAIDNDPLLWKVARGIANDQGLGDIGTAPGKEVKVNMDTTNSDPYALFALLDLYHASQVADYRKLAEKI
GDNIIKTRYIDGFFMASPDRQYADVDAIEPYALLALEASLRNKPQAVAPFLNGAGFTEGAYRMDDGSARVSTRDNELFLL
NVGEKLQPNGRK
;
_entity_poly.pdbx_strand_id   A
#
# COMPACT_ATOMS: atom_id res chain seq x y z
N ASP A 27 -19.54 22.12 -6.57
CA ASP A 27 -19.24 20.82 -7.14
C ASP A 27 -18.04 20.18 -6.42
N ARG A 28 -18.17 18.88 -6.12
CA ARG A 28 -17.01 18.12 -5.69
C ARG A 28 -15.90 18.17 -6.74
N LEU A 29 -16.28 18.21 -8.02
CA LEU A 29 -15.26 18.28 -9.06
C LEU A 29 -14.51 19.60 -9.01
N THR A 30 -15.22 20.70 -8.74
CA THR A 30 -14.57 22.00 -8.62
C THR A 30 -13.58 22.01 -7.46
N VAL A 31 -13.94 21.35 -6.35
CA VAL A 31 -13.04 21.28 -5.20
C VAL A 31 -11.76 20.53 -5.56
N VAL A 32 -11.90 19.38 -6.24
CA VAL A 32 -10.70 18.63 -6.60
C VAL A 32 -9.85 19.42 -7.60
N LYS A 33 -10.49 20.12 -8.54
CA LYS A 33 -9.73 20.95 -9.47
C LYS A 33 -8.95 22.02 -8.73
N GLN A 34 -9.59 22.71 -7.79
CA GLN A 34 -8.89 23.73 -7.01
C GLN A 34 -7.75 23.10 -6.22
N TYR A 35 -8.00 21.93 -5.61
CA TYR A 35 -6.97 21.23 -4.86
C TYR A 35 -5.75 20.94 -5.72
N VAL A 36 -5.94 20.38 -6.92
CA VAL A 36 -4.79 20.05 -7.73
C VAL A 36 -4.08 21.32 -8.19
N ASP A 37 -4.84 22.37 -8.51
CA ASP A 37 -4.20 23.65 -8.81
C ASP A 37 -3.33 24.11 -7.65
N ASN A 38 -3.83 23.94 -6.43
CA ASN A 38 -3.06 24.31 -5.24
C ASN A 38 -1.79 23.48 -5.14
N VAL A 39 -1.89 22.17 -5.39
CA VAL A 39 -0.71 21.32 -5.37
C VAL A 39 0.31 21.79 -6.39
N LEU A 40 -0.15 22.04 -7.63
CA LEU A 40 0.78 22.43 -8.66
C LEU A 40 1.36 23.83 -8.41
N ASN A 41 0.70 24.64 -7.59
CA ASN A 41 1.31 25.89 -7.16
C ASN A 41 2.30 25.62 -6.02
N LYS A 42 1.79 25.20 -4.87
CA LYS A 42 2.57 25.22 -3.65
C LYS A 42 3.57 24.08 -3.52
N ALA A 43 3.36 22.95 -4.19
CA ALA A 43 4.28 21.82 -4.12
C ALA A 43 5.26 21.81 -5.27
N SER A 44 5.28 22.85 -6.11
CA SER A 44 6.13 22.83 -7.28
C SER A 44 7.56 23.28 -6.97
N ASP A 45 8.43 23.08 -7.97
CA ASP A 45 9.84 23.41 -7.89
C ASP A 45 10.00 24.93 -7.90
N THR A 46 10.33 25.50 -6.74
CA THR A 46 10.51 26.93 -6.57
C THR A 46 11.99 27.31 -6.47
N TYR A 47 12.90 26.39 -6.78
CA TYR A 47 14.30 26.52 -6.46
C TYR A 47 15.18 26.76 -7.68
N HIS A 48 14.58 26.90 -8.85
CA HIS A 48 15.34 27.02 -10.08
C HIS A 48 14.81 28.16 -10.94
N GLY A 49 14.43 29.25 -10.28
CA GLY A 49 14.02 30.45 -10.99
C GLY A 49 12.87 30.18 -11.93
N ASP A 50 12.99 30.69 -13.16
CA ASP A 50 11.97 30.54 -14.17
C ASP A 50 12.19 29.30 -15.05
N LYS A 51 13.11 28.40 -14.66
CA LYS A 51 13.31 27.12 -15.33
C LYS A 51 13.08 25.97 -14.35
N PRO A 52 11.87 25.83 -13.84
CA PRO A 52 11.62 24.76 -12.86
C PRO A 52 11.50 23.40 -13.53
N SER A 53 11.85 22.38 -12.77
CA SER A 53 11.51 21.02 -13.15
C SER A 53 10.01 20.85 -12.93
N PRO A 54 9.42 19.77 -13.46
CA PRO A 54 8.00 19.50 -13.21
C PRO A 54 7.74 18.78 -11.90
N LEU A 55 8.78 18.45 -11.13
CA LEU A 55 8.62 17.60 -9.96
C LEU A 55 7.92 18.34 -8.83
N LEU A 56 7.37 17.55 -7.91
CA LEU A 56 6.55 18.03 -6.81
C LEU A 56 7.11 17.58 -5.47
N ALA A 57 6.91 18.42 -4.46
CA ALA A 57 7.19 18.05 -3.08
C ALA A 57 6.08 17.15 -2.53
N ASP A 58 6.47 16.10 -1.79
CA ASP A 58 5.51 15.18 -1.21
C ASP A 58 4.60 15.86 -0.20
N GLY A 59 5.15 16.78 0.59
CA GLY A 59 4.40 17.37 1.69
C GLY A 59 4.46 18.88 1.64
N VAL A 60 3.35 19.51 2.01
CA VAL A 60 3.25 20.97 2.04
C VAL A 60 2.50 21.36 3.31
N ASP A 61 3.07 22.26 4.10
CA ASP A 61 2.27 22.90 5.15
C ASP A 61 1.27 23.83 4.47
N PRO A 62 -0.04 23.53 4.52
CA PRO A 62 -0.98 24.32 3.73
C PRO A 62 -1.14 25.75 4.23
N ARG A 63 -0.66 26.03 5.45
CA ARG A 63 -0.75 27.39 5.99
C ARG A 63 0.25 28.32 5.32
N THR A 64 1.50 27.85 5.19
CA THR A 64 2.61 28.68 4.73
C THR A 64 3.14 28.29 3.36
N GLY A 65 2.84 27.08 2.90
CA GLY A 65 3.48 26.57 1.70
C GLY A 65 4.85 25.98 1.92
N GLN A 66 5.31 25.87 3.17
CA GLN A 66 6.59 25.22 3.43
C GLN A 66 6.55 23.76 2.99
N GLN A 67 7.54 23.37 2.18
CA GLN A 67 7.60 22.00 1.69
C GLN A 67 8.33 21.12 2.69
N LEU A 68 7.88 19.87 2.80
CA LEU A 68 8.40 18.95 3.80
C LEU A 68 9.84 18.55 3.47
N GLU A 69 10.71 18.64 4.47
CA GLU A 69 12.14 18.43 4.26
C GLU A 69 12.63 17.20 5.00
N TRP A 70 13.67 16.59 4.44
CA TRP A 70 14.46 15.57 5.11
C TRP A 70 15.77 16.22 5.58
N ILE A 71 16.16 15.93 6.82
CA ILE A 71 17.36 16.52 7.41
C ILE A 71 18.43 15.46 7.48
N PHE A 72 19.53 15.69 6.77
CA PHE A 72 20.64 14.76 6.65
C PHE A 72 21.62 14.97 7.80
N PRO A 73 22.56 14.03 8.01
CA PRO A 73 23.36 14.07 9.25
C PRO A 73 24.18 15.33 9.45
N ASP A 74 24.53 16.06 8.41
CA ASP A 74 25.31 17.29 8.56
C ASP A 74 24.44 18.53 8.64
N GLY A 75 23.13 18.37 8.78
CA GLY A 75 22.22 19.50 8.86
C GLY A 75 21.62 19.92 7.53
N ARG A 76 22.12 19.41 6.42
CA ARG A 76 21.58 19.78 5.12
C ARG A 76 20.13 19.33 5.02
N ARG A 77 19.28 20.23 4.53
CA ARG A 77 17.87 19.94 4.34
C ARG A 77 17.57 19.72 2.87
N ALA A 78 16.96 18.58 2.54
CA ALA A 78 16.49 18.32 1.19
C ALA A 78 14.96 18.36 1.20
N VAL A 79 14.38 18.81 0.10
CA VAL A 79 12.93 18.77 -0.05
C VAL A 79 12.55 17.40 -0.61
N LEU A 80 11.72 16.67 0.13
CA LEU A 80 11.37 15.30 -0.20
C LEU A 80 10.49 15.25 -1.45
N SER A 81 11.02 14.71 -2.55
CA SER A 81 10.25 14.47 -3.77
C SER A 81 10.45 13.00 -4.11
N ASN A 82 9.52 12.15 -3.65
CA ASN A 82 9.63 10.71 -3.83
C ASN A 82 8.48 10.28 -4.74
N PHE A 83 8.79 9.96 -5.99
CA PHE A 83 7.73 9.71 -6.95
C PHE A 83 6.88 8.49 -6.56
N SER A 84 7.44 7.53 -5.83
CA SER A 84 6.63 6.39 -5.41
C SER A 84 5.54 6.78 -4.43
N ALA A 85 5.70 7.94 -3.78
CA ALA A 85 4.75 8.46 -2.82
C ALA A 85 3.84 9.51 -3.44
N GLN A 86 3.71 9.48 -4.78
CA GLN A 86 2.84 10.40 -5.50
C GLN A 86 1.95 9.68 -6.50
N GLN A 87 1.82 8.37 -6.39
CA GLN A 87 1.09 7.62 -7.41
C GLN A 87 -0.43 7.61 -7.20
N ASN A 88 -0.91 7.98 -6.02
CA ASN A 88 -2.33 8.33 -5.91
C ASN A 88 -2.58 9.68 -6.55
N LEU A 89 -1.69 10.65 -6.29
CA LEU A 89 -1.83 11.95 -6.95
C LEU A 89 -1.81 11.82 -8.47
N MET A 90 -0.94 10.95 -9.01
CA MET A 90 -0.92 10.79 -10.47
C MET A 90 -2.27 10.29 -10.96
N ARG A 91 -2.88 9.34 -10.23
CA ARG A 91 -4.21 8.86 -10.62
C ARG A 91 -5.26 9.94 -10.48
N VAL A 92 -5.15 10.76 -9.43
CA VAL A 92 -6.06 11.89 -9.26
C VAL A 92 -5.95 12.86 -10.43
N MET A 93 -4.72 13.14 -10.88
CA MET A 93 -4.53 14.09 -11.97
C MET A 93 -5.11 13.55 -13.27
N SER A 94 -4.83 12.27 -13.58
CA SER A 94 -5.42 11.68 -14.78
C SER A 94 -6.94 11.66 -14.70
N GLY A 95 -7.50 11.30 -13.54
CA GLY A 95 -8.94 11.26 -13.40
C GLY A 95 -9.58 12.63 -13.49
N LEU A 96 -8.92 13.64 -12.90
CA LEU A 96 -9.43 15.00 -13.00
C LEU A 96 -9.50 15.47 -14.44
N SER A 97 -8.47 15.17 -15.23
CA SER A 97 -8.51 15.54 -16.64
C SER A 97 -9.62 14.80 -17.38
N GLN A 98 -9.86 13.53 -17.04
CA GLN A 98 -10.92 12.78 -17.73
C GLN A 98 -12.29 13.36 -17.41
N LEU A 99 -12.53 13.68 -16.14
CA LEU A 99 -13.87 14.14 -15.76
C LEU A 99 -14.10 15.61 -16.08
N SER A 100 -13.08 16.45 -15.97
CA SER A 100 -13.24 17.88 -16.23
C SER A 100 -13.07 18.24 -17.69
N GLY A 101 -12.41 17.39 -18.48
CA GLY A 101 -12.08 17.72 -19.85
C GLY A 101 -10.92 18.68 -20.01
N ASP A 102 -10.28 19.08 -18.90
CA ASP A 102 -9.12 19.96 -18.95
C ASP A 102 -7.88 19.09 -19.00
N PRO A 103 -7.17 19.04 -20.13
CA PRO A 103 -6.03 18.11 -20.24
C PRO A 103 -4.78 18.54 -19.50
N ARG A 104 -4.78 19.67 -18.78
CA ARG A 104 -3.53 20.17 -18.24
C ARG A 104 -3.00 19.28 -17.13
N TYR A 105 -3.88 18.61 -16.40
CA TYR A 105 -3.46 17.78 -15.29
C TYR A 105 -2.84 16.48 -15.79
N GLN A 106 -3.49 15.84 -16.75
CA GLN A 106 -2.88 14.69 -17.42
C GLN A 106 -1.53 15.06 -18.01
N LYS A 107 -1.45 16.23 -18.65
CA LYS A 107 -0.19 16.63 -19.28
C LYS A 107 0.91 16.78 -18.25
N ARG A 108 0.61 17.39 -17.11
CA ARG A 108 1.64 17.54 -16.09
C ARG A 108 2.06 16.19 -15.51
N ALA A 109 1.10 15.28 -15.31
CA ALA A 109 1.46 13.96 -14.81
C ALA A 109 2.38 13.25 -15.79
N GLU A 110 2.08 13.36 -17.10
CA GLU A 110 2.97 12.80 -18.11
C GLU A 110 4.35 13.42 -18.04
N ASP A 111 4.40 14.74 -17.87
CA ASP A 111 5.69 15.44 -17.83
C ASP A 111 6.54 14.99 -16.64
N ILE A 112 5.90 14.74 -15.50
CA ILE A 112 6.63 14.25 -14.34
C ILE A 112 7.19 12.86 -14.60
N VAL A 113 6.36 11.98 -15.17
CA VAL A 113 6.86 10.65 -15.55
C VAL A 113 8.05 10.76 -16.49
N ARG A 114 7.89 11.53 -17.56
CA ARG A 114 8.96 11.67 -18.55
C ARG A 114 10.25 12.17 -17.90
N TYR A 115 10.13 13.13 -16.98
CA TYR A 115 11.33 13.66 -16.33
C TYR A 115 12.03 12.60 -15.51
N HIS A 116 11.28 11.68 -14.89
CA HIS A 116 11.92 10.62 -14.13
C HIS A 116 12.62 9.61 -15.03
N PHE A 117 11.99 9.24 -16.15
CA PHE A 117 12.69 8.34 -17.05
C PHE A 117 13.92 9.01 -17.64
N GLN A 118 13.86 10.32 -17.88
CA GLN A 118 14.96 11.04 -18.51
C GLN A 118 16.14 11.21 -17.56
N ASN A 119 15.89 11.41 -16.27
CA ASN A 119 16.92 11.81 -15.33
C ASN A 119 17.10 10.89 -14.15
N TYR A 120 16.11 10.08 -13.79
CA TYR A 120 16.17 9.36 -12.53
C TYR A 120 15.94 7.86 -12.72
N GLN A 121 16.32 7.33 -13.89
CA GLN A 121 16.25 5.89 -14.16
C GLN A 121 17.65 5.40 -14.44
N ASP A 122 18.13 4.48 -13.60
CA ASP A 122 19.47 3.92 -13.76
C ASP A 122 19.52 3.01 -14.98
N PRO A 123 20.72 2.66 -15.45
CA PRO A 123 20.80 1.80 -16.64
C PRO A 123 20.12 0.46 -16.47
N SER A 124 19.98 -0.04 -15.24
CA SER A 124 19.30 -1.31 -15.00
C SER A 124 17.79 -1.18 -15.09
N GLY A 125 17.27 0.03 -15.17
CA GLY A 125 15.83 0.27 -15.26
C GLY A 125 15.21 0.78 -13.99
N LEU A 126 15.88 0.69 -12.86
CA LEU A 126 15.26 1.09 -11.61
C LEU A 126 15.18 2.60 -11.47
N LEU A 127 14.14 3.08 -10.81
CA LEU A 127 13.98 4.51 -10.56
C LEU A 127 14.56 4.88 -9.20
N TYR A 128 14.96 6.15 -9.08
CA TYR A 128 15.39 6.69 -7.79
C TYR A 128 14.14 7.14 -7.04
N TRP A 129 13.46 6.16 -6.46
CA TRP A 129 12.24 6.33 -5.70
C TRP A 129 12.17 5.20 -4.69
N GLY A 130 11.08 5.14 -3.94
CA GLY A 130 10.82 4.00 -3.09
C GLY A 130 11.24 4.27 -1.65
N GLY A 131 11.36 3.17 -0.90
CA GLY A 131 11.51 3.30 0.54
C GLY A 131 12.80 3.97 0.96
N HIS A 132 13.84 3.89 0.13
CA HIS A 132 15.14 4.36 0.55
C HIS A 132 15.83 5.27 -0.46
N ARG A 133 15.14 5.75 -1.50
CA ARG A 133 15.69 6.73 -2.43
C ARG A 133 14.62 7.75 -2.78
N PHE A 134 15.04 8.97 -3.06
CA PHE A 134 14.14 10.02 -3.50
C PHE A 134 14.97 11.07 -4.21
N VAL A 135 14.30 12.13 -4.66
CA VAL A 135 14.95 13.25 -5.34
C VAL A 135 14.79 14.50 -4.47
N ASP A 136 15.89 15.23 -4.28
CA ASP A 136 15.85 16.52 -3.59
C ASP A 136 15.34 17.58 -4.55
N LEU A 137 14.17 18.17 -4.25
CA LEU A 137 13.61 19.15 -5.16
C LEU A 137 14.51 20.37 -5.30
N LYS A 138 15.34 20.65 -4.29
CA LYS A 138 16.17 21.85 -4.36
C LYS A 138 17.37 21.65 -5.29
N THR A 139 18.08 20.54 -5.14
CA THR A 139 19.25 20.28 -5.97
C THR A 139 18.94 19.40 -7.17
N LEU A 140 17.78 18.74 -7.19
CA LEU A 140 17.37 17.81 -8.24
C LEU A 140 18.30 16.60 -8.34
N GLN A 141 19.05 16.28 -7.27
CA GLN A 141 19.89 15.10 -7.19
C GLN A 141 19.17 13.98 -6.45
N PRO A 142 19.44 12.73 -6.82
CA PRO A 142 18.94 11.61 -6.01
C PRO A 142 19.61 11.57 -4.65
N GLU A 143 18.86 11.09 -3.66
CA GLU A 143 19.30 11.05 -2.28
C GLU A 143 19.16 9.63 -1.75
N GLY A 144 19.91 9.35 -0.69
CA GLY A 144 19.84 8.10 0.04
C GLY A 144 19.83 8.30 1.54
N PRO A 145 18.64 8.39 2.14
CA PRO A 145 18.54 8.72 3.57
C PRO A 145 18.91 7.58 4.51
N SER A 146 19.04 6.35 4.02
CA SER A 146 19.41 5.19 4.84
C SER A 146 20.76 4.66 4.35
N GLU A 147 21.81 4.93 5.12
CA GLU A 147 23.18 4.71 4.64
C GLU A 147 23.45 3.25 4.29
N LYS A 148 22.96 2.32 5.11
CA LYS A 148 23.15 0.90 4.85
C LYS A 148 22.17 0.33 3.84
N GLU A 149 21.30 1.18 3.30
CA GLU A 149 20.18 0.75 2.46
C GLU A 149 20.02 1.72 1.29
N ARG A 150 21.09 1.93 0.53
CA ARG A 150 21.00 2.74 -0.69
C ARG A 150 20.53 1.83 -1.82
N VAL A 151 19.27 1.42 -1.69
CA VAL A 151 18.70 0.33 -2.47
C VAL A 151 17.29 0.71 -2.92
N HIS A 152 16.78 -0.09 -3.84
CA HIS A 152 15.43 0.07 -4.38
C HIS A 152 14.45 -0.75 -3.56
N GLU A 153 13.34 -0.14 -3.15
CA GLU A 153 12.36 -0.85 -2.33
C GLU A 153 10.97 -0.31 -2.61
N LEU A 154 10.05 -1.20 -2.99
CA LEU A 154 8.63 -0.88 -3.07
C LEU A 154 7.85 -1.83 -2.17
N LYS A 155 7.02 -1.26 -1.30
CA LYS A 155 6.22 -2.04 -0.36
C LYS A 155 4.80 -1.49 -0.41
N ASN A 156 3.88 -2.27 -0.98
CA ASN A 156 2.48 -1.84 -1.13
C ASN A 156 2.40 -0.49 -1.85
N ALA A 157 3.27 -0.30 -2.87
CA ALA A 157 3.35 0.99 -3.56
C ALA A 157 2.32 1.11 -4.67
N TYR A 158 2.16 0.06 -5.46
CA TYR A 158 1.29 0.04 -6.64
C TYR A 158 1.38 1.31 -7.49
N PRO A 159 2.53 1.58 -8.12
CA PRO A 159 2.64 2.74 -9.01
C PRO A 159 1.65 2.70 -10.16
N TYR A 160 1.39 3.87 -10.73
CA TYR A 160 0.42 4.02 -11.81
C TYR A 160 1.08 3.67 -13.14
N TYR A 161 1.34 2.36 -13.31
CA TYR A 161 2.04 1.91 -14.52
C TYR A 161 1.25 2.22 -15.79
N ASP A 162 -0.08 2.28 -15.71
CA ASP A 162 -0.85 2.61 -16.92
C ASP A 162 -0.43 3.96 -17.48
N LEU A 163 -0.25 4.96 -16.61
CA LEU A 163 0.25 6.26 -17.05
C LEU A 163 1.66 6.14 -17.61
N MET A 164 2.53 5.43 -16.91
CA MET A 164 3.93 5.33 -17.34
C MET A 164 4.04 4.69 -18.73
N PHE A 165 3.29 3.60 -18.98
CA PHE A 165 3.32 2.95 -20.29
C PHE A 165 2.88 3.90 -21.40
N SER A 166 1.93 4.79 -21.11
CA SER A 166 1.44 5.68 -22.15
C SER A 166 2.44 6.78 -22.48
N VAL A 167 3.36 7.05 -21.55
CA VAL A 167 4.41 8.06 -21.77
C VAL A 167 5.62 7.45 -22.47
N ASP A 168 6.09 6.31 -21.97
CA ASP A 168 7.29 5.68 -22.51
C ASP A 168 7.20 4.18 -22.18
N SER A 169 6.74 3.39 -23.14
CA SER A 169 6.50 2.00 -22.84
C SER A 169 7.82 1.23 -22.68
N ASP A 170 8.84 1.57 -23.45
CA ASP A 170 10.14 0.91 -23.29
C ASP A 170 10.70 1.19 -21.89
N ALA A 171 10.67 2.45 -21.46
CA ALA A 171 11.22 2.78 -20.15
C ALA A 171 10.43 2.10 -19.03
N THR A 172 9.11 1.98 -19.20
CA THR A 172 8.29 1.33 -18.17
C THR A 172 8.60 -0.16 -18.12
N ALA A 173 8.69 -0.80 -19.28
CA ALA A 173 9.03 -2.22 -19.31
C ALA A 173 10.43 -2.45 -18.74
N ARG A 174 11.37 -1.55 -19.04
CA ARG A 174 12.70 -1.69 -18.46
C ARG A 174 12.65 -1.59 -16.93
N PHE A 175 11.79 -0.72 -16.41
CA PHE A 175 11.67 -0.66 -14.95
C PHE A 175 11.16 -1.99 -14.40
N ILE A 176 10.06 -2.50 -14.97
CA ILE A 176 9.44 -3.69 -14.40
C ILE A 176 10.37 -4.89 -14.48
N ARG A 177 11.03 -5.09 -15.63
CA ARG A 177 12.00 -6.18 -15.73
C ARG A 177 13.18 -5.95 -14.78
N GLY A 178 13.65 -4.71 -14.66
CA GLY A 178 14.78 -4.43 -13.75
C GLY A 178 14.42 -4.65 -12.30
N PHE A 179 13.17 -4.37 -11.94
CA PHE A 179 12.65 -4.60 -10.60
C PHE A 179 12.71 -6.09 -10.25
N TRP A 180 12.14 -6.94 -11.11
CA TRP A 180 12.23 -8.37 -10.89
C TRP A 180 13.67 -8.86 -10.89
N ASN A 181 14.49 -8.35 -11.83
CA ASN A 181 15.87 -8.80 -11.91
C ASN A 181 16.63 -8.53 -10.62
N ALA A 182 16.34 -7.41 -9.97
CA ALA A 182 17.07 -7.05 -8.75
C ALA A 182 16.49 -7.69 -7.50
N HIS A 183 15.18 -7.94 -7.47
CA HIS A 183 14.54 -8.41 -6.26
C HIS A 183 14.32 -9.92 -6.22
N VAL A 184 14.54 -10.64 -7.31
CA VAL A 184 14.54 -12.09 -7.27
C VAL A 184 15.99 -12.54 -7.07
N TYR A 185 16.28 -13.08 -5.89
CA TYR A 185 17.63 -13.51 -5.56
C TYR A 185 17.97 -14.85 -6.18
N ASP A 186 16.98 -15.73 -6.34
CA ASP A 186 17.21 -17.07 -6.89
C ASP A 186 15.94 -17.47 -7.63
N TRP A 187 16.00 -17.43 -8.97
CA TRP A 187 14.82 -17.73 -9.76
C TRP A 187 14.45 -19.22 -9.70
N ARG A 188 15.42 -20.11 -9.44
CA ARG A 188 15.10 -21.54 -9.41
C ARG A 188 14.04 -21.84 -8.35
N ILE A 189 14.13 -21.17 -7.20
CA ILE A 189 13.22 -21.42 -6.09
C ILE A 189 12.29 -20.25 -5.84
N LEU A 190 12.40 -19.18 -6.64
CA LEU A 190 11.67 -17.93 -6.46
C LEU A 190 11.89 -17.37 -5.04
N GLU A 191 13.17 -17.31 -4.64
CA GLU A 191 13.60 -16.56 -3.47
C GLU A 191 13.55 -15.08 -3.82
N THR A 192 12.64 -14.35 -3.18
CA THR A 192 12.42 -12.94 -3.43
C THR A 192 12.90 -12.12 -2.24
N SER A 193 12.98 -10.81 -2.46
CA SER A 193 13.58 -9.90 -1.50
C SER A 193 12.85 -8.55 -1.55
N ARG A 194 12.67 -7.94 -0.38
CA ARG A 194 12.05 -6.62 -0.37
C ARG A 194 13.00 -5.51 -0.83
N HIS A 195 14.31 -5.80 -0.95
CA HIS A 195 15.37 -4.88 -1.36
C HIS A 195 15.96 -5.32 -2.69
N GLY A 196 16.31 -4.36 -3.54
CA GLY A 196 17.06 -4.65 -4.76
C GLY A 196 18.18 -3.64 -4.99
N GLU A 197 19.33 -4.10 -5.49
CA GLU A 197 20.44 -3.21 -5.77
C GLU A 197 20.29 -2.54 -7.13
N TYR A 198 20.81 -1.33 -7.22
CA TYR A 198 20.95 -0.62 -8.48
C TYR A 198 22.11 -1.16 -9.29
N GLY A 199 22.06 -0.93 -10.61
CA GLY A 199 23.21 -1.22 -11.47
C GLY A 199 23.47 -2.67 -11.79
N LYS A 200 22.48 -3.53 -11.63
CA LYS A 200 22.72 -4.95 -11.91
C LYS A 200 22.52 -5.25 -13.38
N PRO A 201 23.40 -6.05 -13.99
CA PRO A 201 23.12 -6.54 -15.34
C PRO A 201 21.93 -7.48 -15.36
N MET A 202 21.27 -7.52 -16.52
CA MET A 202 20.09 -8.37 -16.68
C MET A 202 20.48 -9.84 -16.77
N GLY A 203 19.85 -10.66 -15.94
CA GLY A 203 20.00 -12.10 -16.00
C GLY A 203 18.97 -12.74 -16.90
N ALA A 204 18.71 -14.03 -16.65
CA ALA A 204 17.84 -14.83 -17.51
C ALA A 204 16.35 -14.48 -17.36
N LEU A 205 15.98 -13.80 -16.29
CA LEU A 205 14.62 -13.27 -16.06
C LEU A 205 13.59 -14.37 -16.33
N TRP A 206 12.59 -14.14 -17.18
CA TRP A 206 11.47 -15.07 -17.26
C TRP A 206 11.86 -16.42 -17.84
N GLU A 207 13.00 -16.50 -18.54
CA GLU A 207 13.46 -17.78 -19.08
C GLU A 207 14.13 -18.65 -18.03
N SER A 208 14.28 -18.16 -16.80
CA SER A 208 14.90 -18.95 -15.75
C SER A 208 14.11 -20.23 -15.49
N LYS A 209 14.84 -21.32 -15.22
CA LYS A 209 14.19 -22.58 -14.85
C LYS A 209 13.71 -22.53 -13.41
N PHE A 210 12.56 -23.15 -13.16
CA PHE A 210 11.91 -23.06 -11.85
C PHE A 210 11.63 -24.46 -11.30
N GLU A 211 11.85 -24.61 -9.99
CA GLU A 211 11.58 -25.85 -9.28
C GLU A 211 10.86 -25.49 -7.98
N GLN A 212 9.57 -25.81 -7.91
CA GLN A 212 8.76 -25.49 -6.74
C GLN A 212 9.36 -26.11 -5.48
N GLN A 213 9.48 -25.31 -4.42
CA GLN A 213 9.99 -25.75 -3.14
C GLN A 213 8.85 -25.93 -2.15
N PRO A 214 9.05 -26.75 -1.11
CA PRO A 214 8.00 -26.96 -0.10
C PRO A 214 7.78 -25.70 0.72
N PRO A 215 6.62 -25.57 1.37
CA PRO A 215 6.32 -24.35 2.12
C PRO A 215 7.37 -24.02 3.17
N PHE A 216 7.67 -22.72 3.27
CA PHE A 216 8.54 -22.16 4.28
C PHE A 216 9.96 -22.71 4.17
N PHE A 217 10.42 -22.89 2.95
CA PHE A 217 11.82 -23.19 2.75
C PHE A 217 12.66 -22.01 3.22
N ALA A 218 13.89 -22.29 3.62
CA ALA A 218 14.76 -21.29 4.26
C ALA A 218 15.60 -20.58 3.21
N THR A 219 15.58 -19.25 3.25
CA THR A 219 16.29 -18.41 2.28
C THR A 219 16.82 -17.16 2.98
N LYS A 220 17.84 -16.55 2.38
CA LYS A 220 18.31 -15.26 2.87
C LYS A 220 17.33 -14.15 2.54
N GLY A 221 16.80 -14.13 1.32
CA GLY A 221 15.86 -13.09 0.96
C GLY A 221 14.58 -13.19 1.79
N LEU A 222 14.02 -12.02 2.11
CA LEU A 222 12.80 -11.93 2.91
C LEU A 222 11.62 -11.69 1.98
N SER A 223 10.73 -12.67 1.87
CA SER A 223 9.65 -12.68 0.88
C SER A 223 8.39 -12.00 1.38
N PHE A 224 8.52 -10.86 2.08
CA PHE A 224 7.37 -10.11 2.58
C PHE A 224 6.38 -9.84 1.46
N LEU A 225 5.11 -10.00 1.76
CA LEU A 225 4.07 -9.81 0.76
C LEU A 225 3.89 -8.33 0.38
N ASN A 226 4.38 -7.38 1.19
CA ASN A 226 4.22 -6.00 0.74
C ASN A 226 5.03 -5.75 -0.52
N ALA A 227 6.28 -6.25 -0.55
CA ALA A 227 7.05 -6.16 -1.78
C ALA A 227 6.56 -7.18 -2.81
N GLY A 228 6.12 -8.34 -2.34
CA GLY A 228 5.56 -9.33 -3.26
C GLY A 228 4.37 -8.78 -4.04
N ASN A 229 3.52 -8.01 -3.35
CA ASN A 229 2.41 -7.32 -4.00
C ASN A 229 2.89 -6.50 -5.19
N ASP A 230 3.98 -5.75 -5.00
CA ASP A 230 4.46 -4.90 -6.08
C ASP A 230 5.08 -5.71 -7.21
N LEU A 231 5.71 -6.84 -6.89
CA LEU A 231 6.25 -7.68 -7.96
C LEU A 231 5.12 -8.27 -8.79
N ILE A 232 4.11 -8.85 -8.13
CA ILE A 232 2.98 -9.46 -8.85
C ILE A 232 2.30 -8.41 -9.70
N TYR A 233 1.99 -7.26 -9.10
CA TYR A 233 1.24 -6.21 -9.79
C TYR A 233 2.00 -5.70 -11.01
N SER A 234 3.29 -5.40 -10.84
CA SER A 234 4.06 -4.86 -11.96
C SER A 234 4.16 -5.86 -13.11
N ALA A 235 4.47 -7.11 -12.80
CA ALA A 235 4.55 -8.12 -13.86
C ALA A 235 3.20 -8.29 -14.55
N SER A 236 2.10 -8.23 -13.80
CA SER A 236 0.79 -8.33 -14.43
C SER A 236 0.51 -7.16 -15.36
N LEU A 237 1.01 -5.96 -15.03
CA LEU A 237 0.82 -4.81 -15.90
C LEU A 237 1.70 -4.86 -17.14
N LEU A 238 2.90 -5.46 -17.02
CA LEU A 238 3.71 -5.71 -18.20
C LEU A 238 3.02 -6.68 -19.14
N TYR A 239 2.37 -7.72 -18.58
CA TYR A 239 1.55 -8.60 -19.42
C TYR A 239 0.42 -7.82 -20.08
N GLN A 240 -0.29 -7.01 -19.30
CA GLN A 240 -1.47 -6.31 -19.81
C GLN A 240 -1.10 -5.41 -20.99
N HIS A 241 0.04 -4.72 -20.91
CA HIS A 241 0.38 -3.72 -21.90
C HIS A 241 1.18 -4.26 -23.06
N GLN A 242 2.04 -5.25 -22.83
CA GLN A 242 2.94 -5.71 -23.88
C GLN A 242 2.76 -7.18 -24.22
N GLN A 243 1.75 -7.85 -23.65
CA GLN A 243 1.46 -9.25 -23.94
C GLN A 243 2.67 -10.13 -23.63
N ASP A 244 3.37 -9.79 -22.55
CA ASP A 244 4.57 -10.52 -22.13
C ASP A 244 4.10 -11.75 -21.34
N GLN A 245 4.12 -12.91 -21.99
CA GLN A 245 3.65 -14.13 -21.37
C GLN A 245 4.60 -14.60 -20.28
N GLY A 246 5.89 -14.33 -20.42
CA GLY A 246 6.82 -14.64 -19.34
C GLY A 246 6.48 -13.87 -18.07
N ALA A 247 6.18 -12.58 -18.21
CA ALA A 247 5.80 -11.77 -17.07
C ALA A 247 4.56 -12.34 -16.38
N LEU A 248 3.56 -12.73 -17.17
CA LEU A 248 2.34 -13.30 -16.57
C LEU A 248 2.63 -14.62 -15.87
N THR A 249 3.40 -15.50 -16.50
CA THR A 249 3.72 -16.78 -15.89
C THR A 249 4.34 -16.58 -14.51
N TRP A 250 5.27 -15.65 -14.39
CA TRP A 250 5.94 -15.46 -13.10
C TRP A 250 5.08 -14.67 -12.13
N ALA A 251 4.22 -13.77 -12.61
CA ALA A 251 3.28 -13.10 -11.72
C ALA A 251 2.35 -14.11 -11.05
N LYS A 252 1.81 -15.05 -11.84
CA LYS A 252 0.91 -16.05 -11.28
C LYS A 252 1.67 -17.01 -10.38
N ARG A 253 2.88 -17.39 -10.79
CA ARG A 253 3.70 -18.28 -9.98
C ARG A 253 4.04 -17.65 -8.64
N LEU A 254 4.37 -16.34 -8.63
CA LEU A 254 4.65 -15.67 -7.36
C LEU A 254 3.40 -15.55 -6.50
N ALA A 255 2.25 -15.22 -7.09
CA ALA A 255 1.02 -15.27 -6.33
C ALA A 255 0.78 -16.67 -5.74
N ASP A 256 1.08 -17.72 -6.53
CA ASP A 256 0.88 -19.06 -5.99
CA ASP A 256 0.94 -19.10 -6.05
C ASP A 256 1.79 -19.34 -4.81
N GLN A 257 2.97 -18.71 -4.75
CA GLN A 257 3.89 -18.96 -3.64
C GLN A 257 3.28 -18.58 -2.30
N TYR A 258 2.37 -17.61 -2.30
CA TYR A 258 1.70 -17.19 -1.06
C TYR A 258 0.46 -18.02 -0.77
N VAL A 259 -0.02 -18.79 -1.73
CA VAL A 259 -1.20 -19.64 -1.50
C VAL A 259 -0.80 -21.02 -1.02
N LEU A 260 0.24 -21.60 -1.61
CA LEU A 260 0.68 -22.94 -1.24
C LEU A 260 0.94 -23.14 0.26
N PRO A 261 1.53 -22.21 1.00
CA PRO A 261 1.78 -22.45 2.44
C PRO A 261 0.62 -22.12 3.36
N ARG A 262 -0.52 -21.70 2.84
CA ARG A 262 -1.65 -21.41 3.70
C ARG A 262 -2.00 -22.64 4.52
N ASP A 263 -2.47 -22.40 5.74
CA ASP A 263 -2.71 -23.49 6.66
C ASP A 263 -3.75 -24.45 6.08
N ALA A 264 -3.42 -25.74 6.08
CA ALA A 264 -4.29 -26.74 5.46
C ALA A 264 -5.64 -26.84 6.15
N LYS A 265 -5.72 -26.48 7.43
CA LYS A 265 -6.98 -26.59 8.16
C LYS A 265 -7.79 -25.30 8.13
N THR A 266 -7.14 -24.16 8.38
CA THR A 266 -7.85 -22.90 8.53
C THR A 266 -7.95 -22.10 7.25
N GLY A 267 -7.02 -22.30 6.32
CA GLY A 267 -6.94 -21.44 5.15
C GLY A 267 -6.32 -20.07 5.40
N LEU A 268 -5.81 -19.80 6.60
CA LEU A 268 -5.21 -18.51 6.93
C LEU A 268 -3.80 -18.40 6.38
N GLY A 269 -3.33 -17.15 6.26
CA GLY A 269 -1.97 -16.85 5.85
C GLY A 269 -1.86 -16.53 4.37
N VAL A 270 -0.66 -16.20 3.86
CA VAL A 270 0.57 -16.01 4.63
C VAL A 270 1.21 -14.68 4.23
N TYR A 271 2.00 -14.12 5.15
CA TYR A 271 2.70 -12.87 4.89
C TYR A 271 4.01 -13.07 4.14
N GLN A 272 4.57 -14.28 4.20
CA GLN A 272 5.75 -14.62 3.43
C GLN A 272 5.77 -16.14 3.31
N PHE A 273 6.49 -16.64 2.30
CA PHE A 273 6.44 -18.06 2.01
C PHE A 273 7.77 -18.75 2.25
N THR A 274 8.78 -18.01 2.69
CA THR A 274 10.06 -18.54 3.10
C THR A 274 10.28 -18.18 4.56
N GLN A 275 11.26 -18.83 5.17
CA GLN A 275 11.72 -18.40 6.48
C GLN A 275 13.19 -18.05 6.39
N ALA A 276 13.62 -17.17 7.29
CA ALA A 276 14.99 -16.66 7.24
C ALA A 276 15.99 -17.79 7.48
N LEU A 277 17.00 -17.86 6.62
CA LEU A 277 18.06 -18.83 6.81
C LEU A 277 18.86 -18.48 8.06
N LYS A 278 18.95 -19.43 8.99
CA LYS A 278 19.72 -19.22 10.22
C LYS A 278 21.19 -19.43 9.91
N ARG A 279 21.97 -18.36 10.01
CA ARG A 279 23.40 -18.42 9.72
C ARG A 279 24.25 -18.10 10.94
N GLU A 280 23.63 -17.89 12.09
CA GLU A 280 24.35 -17.57 13.32
C GLU A 280 23.42 -17.84 14.50
N GLU A 281 24.01 -18.25 15.62
CA GLU A 281 23.21 -18.50 16.82
C GLU A 281 22.93 -17.19 17.55
N PRO A 282 21.69 -16.88 17.89
CA PRO A 282 21.41 -15.63 18.59
C PRO A 282 21.86 -15.68 20.04
N THR A 283 22.22 -14.52 20.57
CA THR A 283 22.60 -14.38 21.96
C THR A 283 21.72 -13.40 22.73
N ASP A 284 20.88 -12.63 22.04
CA ASP A 284 20.04 -11.64 22.69
CA ASP A 284 20.04 -11.64 22.69
C ASP A 284 18.68 -11.58 22.00
N ASP A 285 17.61 -11.66 22.79
CA ASP A 285 16.25 -11.63 22.24
C ASP A 285 15.99 -10.35 21.46
N ALA A 286 16.56 -9.23 21.89
CA ALA A 286 16.26 -7.94 21.30
C ALA A 286 17.01 -7.69 20.00
N ASP A 287 18.00 -8.51 19.67
CA ASP A 287 18.65 -8.44 18.37
C ASP A 287 17.84 -9.33 17.43
N THR A 288 17.04 -8.70 16.55
CA THR A 288 16.11 -9.43 15.70
C THR A 288 16.55 -9.47 14.24
N HIS A 289 17.84 -9.33 13.96
CA HIS A 289 18.29 -9.46 12.58
C HIS A 289 17.95 -10.84 12.04
N SER A 290 17.55 -10.88 10.77
CA SER A 290 16.97 -12.11 10.23
C SER A 290 17.96 -13.25 10.13
N TRP A 291 19.27 -12.99 10.10
CA TRP A 291 20.20 -14.08 9.93
C TRP A 291 20.36 -14.93 11.21
N PHE A 292 19.70 -14.59 12.31
CA PHE A 292 19.61 -15.49 13.47
C PHE A 292 18.45 -16.48 13.38
N GLY A 293 17.71 -16.47 12.28
CA GLY A 293 16.61 -17.39 12.06
C GLY A 293 15.26 -16.69 12.16
N ASP A 294 14.22 -17.45 11.81
CA ASP A 294 12.86 -16.91 11.82
C ASP A 294 12.54 -16.23 13.15
N ARG A 295 12.09 -14.97 13.07
CA ARG A 295 11.90 -14.16 14.27
C ARG A 295 10.68 -14.60 15.07
N ALA A 296 9.66 -15.12 14.39
CA ALA A 296 8.48 -15.62 15.12
C ALA A 296 8.82 -16.90 15.87
N GLN A 297 9.63 -17.77 15.26
CA GLN A 297 10.01 -18.99 15.96
C GLN A 297 10.85 -18.66 17.19
N ARG A 298 11.65 -17.59 17.14
CA ARG A 298 12.41 -17.20 18.33
C ARG A 298 11.50 -16.70 19.44
N GLN A 299 10.54 -15.84 19.12
CA GLN A 299 9.76 -15.17 20.15
C GLN A 299 8.55 -15.97 20.61
N PHE A 300 7.97 -16.80 19.73
CA PHE A 300 6.79 -17.60 20.05
C PHE A 300 7.05 -19.11 20.03
N GLY A 301 8.12 -19.57 19.37
CA GLY A 301 8.39 -20.99 19.30
C GLY A 301 8.37 -21.75 20.61
N PRO A 302 8.98 -21.22 21.68
CA PRO A 302 9.02 -21.99 22.93
C PRO A 302 7.64 -22.35 23.47
N GLU A 303 6.65 -21.49 23.26
CA GLU A 303 5.32 -21.74 23.76
C GLU A 303 4.37 -22.30 22.71
N PHE A 304 4.63 -22.07 21.43
CA PHE A 304 3.67 -22.40 20.39
C PHE A 304 4.13 -23.46 19.41
N GLY A 305 5.42 -23.80 19.38
CA GLY A 305 5.88 -24.89 18.54
C GLY A 305 6.24 -24.47 17.13
N PRO A 306 6.40 -25.46 16.25
CA PRO A 306 6.93 -25.19 14.91
C PRO A 306 6.05 -24.32 14.03
N ALA A 307 4.75 -24.21 14.33
CA ALA A 307 3.87 -23.41 13.49
C ALA A 307 4.16 -21.92 13.59
N ALA A 308 4.92 -21.49 14.59
CA ALA A 308 5.22 -20.08 14.80
C ALA A 308 6.34 -19.68 13.83
N LEU A 309 5.94 -19.19 12.66
CA LEU A 309 6.83 -18.70 11.62
C LEU A 309 6.32 -17.33 11.19
N GLU A 310 7.22 -16.48 10.70
CA GLU A 310 6.85 -15.11 10.38
C GLU A 310 5.68 -15.05 9.39
N GLY A 311 5.71 -15.87 8.35
CA GLY A 311 4.62 -15.89 7.39
C GLY A 311 3.28 -16.22 8.00
N ASN A 312 3.28 -16.88 9.17
CA ASN A 312 2.04 -17.29 9.82
C ASN A 312 1.53 -16.30 10.84
N MET A 313 2.22 -15.19 11.09
CA MET A 313 1.81 -14.27 12.14
C MET A 313 0.76 -13.31 11.58
N MET A 314 -0.51 -13.60 11.88
CA MET A 314 -1.62 -12.80 11.39
C MET A 314 -1.87 -11.67 12.39
N LEU A 315 -0.99 -10.68 12.33
CA LEU A 315 -0.99 -9.55 13.24
C LEU A 315 -1.34 -8.28 12.49
N LYS A 316 -1.76 -7.27 13.25
CA LYS A 316 -2.13 -5.97 12.69
C LYS A 316 -1.04 -5.45 11.77
N GLY A 317 -1.45 -4.84 10.66
CA GLY A 317 -0.49 -4.37 9.68
C GLY A 317 -0.20 -5.42 8.64
N ARG A 318 0.34 -6.57 9.09
CA ARG A 318 0.51 -7.71 8.20
C ARG A 318 -0.82 -8.12 7.57
N THR A 319 -1.91 -8.11 8.35
CA THR A 319 -3.19 -8.51 7.79
C THR A 319 -3.77 -7.47 6.84
N SER A 320 -3.32 -6.21 6.92
CA SER A 320 -3.70 -5.26 5.88
C SER A 320 -3.00 -5.59 4.58
N THR A 321 -1.70 -5.88 4.64
CA THR A 321 -0.97 -6.22 3.44
C THR A 321 -1.58 -7.43 2.75
N LEU A 322 -2.01 -8.42 3.53
CA LEU A 322 -2.57 -9.65 3.01
C LEU A 322 -4.05 -9.50 2.65
N TYR A 323 -4.87 -9.00 3.56
CA TYR A 323 -6.31 -9.02 3.33
C TYR A 323 -6.86 -7.67 2.88
N SER A 324 -6.01 -6.65 2.73
CA SER A 324 -6.38 -5.44 2.00
C SER A 324 -5.57 -5.33 0.72
N GLU A 325 -4.30 -4.91 0.78
CA GLU A 325 -3.59 -4.56 -0.47
C GLU A 325 -3.51 -5.74 -1.41
N ASN A 326 -3.13 -6.93 -0.91
CA ASN A 326 -3.03 -8.08 -1.80
C ASN A 326 -4.39 -8.44 -2.39
N ALA A 327 -5.44 -8.36 -1.55
CA ALA A 327 -6.76 -8.76 -1.99
C ALA A 327 -7.29 -7.84 -3.08
N LEU A 328 -7.18 -6.52 -2.90
CA LEU A 328 -7.69 -5.59 -3.91
C LEU A 328 -7.01 -5.83 -5.25
N MET A 329 -5.69 -5.97 -5.22
CA MET A 329 -4.93 -6.16 -6.45
C MET A 329 -5.26 -7.50 -7.11
N GLN A 330 -5.33 -8.57 -6.33
CA GLN A 330 -5.59 -9.89 -6.93
C GLN A 330 -7.03 -10.03 -7.40
N LEU A 331 -7.99 -9.40 -6.71
CA LEU A 331 -9.36 -9.43 -7.24
C LEU A 331 -9.47 -8.75 -8.58
N GLN A 332 -8.82 -7.59 -8.73
CA GLN A 332 -8.89 -6.92 -10.02
C GLN A 332 -8.12 -7.70 -11.08
N LEU A 333 -6.92 -8.20 -10.74
CA LEU A 333 -6.15 -8.98 -11.70
C LEU A 333 -6.91 -10.24 -12.11
N GLY A 334 -7.53 -10.90 -11.14
CA GLY A 334 -8.28 -12.11 -11.44
C GLY A 334 -9.42 -11.86 -12.41
N LYS A 335 -10.12 -10.74 -12.24
CA LYS A 335 -11.16 -10.39 -13.19
C LYS A 335 -10.57 -10.05 -14.55
N ASP A 336 -9.44 -9.34 -14.57
CA ASP A 336 -8.83 -8.93 -15.84
C ASP A 336 -8.40 -10.12 -16.69
N LEU A 337 -8.00 -11.22 -16.05
CA LEU A 337 -7.47 -12.38 -16.76
C LEU A 337 -8.57 -13.29 -17.30
N GLY A 338 -9.83 -13.02 -16.97
CA GLY A 338 -10.93 -13.81 -17.47
C GLY A 338 -10.82 -15.24 -17.00
N PRO A 339 -10.94 -16.19 -17.94
CA PRO A 339 -10.90 -17.60 -17.55
C PRO A 339 -9.67 -18.02 -16.75
N GLN A 340 -8.48 -17.59 -17.16
CA GLN A 340 -7.29 -17.99 -16.43
C GLN A 340 -7.07 -17.16 -15.16
N GLY A 341 -8.03 -16.31 -14.81
CA GLY A 341 -8.00 -15.62 -13.55
C GLY A 341 -8.89 -16.23 -12.50
N GLN A 342 -9.53 -17.36 -12.81
CA GLN A 342 -10.52 -17.92 -11.89
C GLN A 342 -9.89 -18.50 -10.63
N ASP A 343 -8.73 -19.15 -10.77
CA ASP A 343 -8.04 -19.66 -9.58
C ASP A 343 -7.62 -18.52 -8.66
N LEU A 344 -7.09 -17.44 -9.23
CA LEU A 344 -6.70 -16.28 -8.43
C LEU A 344 -7.89 -15.71 -7.67
N LEU A 345 -9.04 -15.57 -8.33
CA LEU A 345 -10.23 -15.08 -7.66
C LEU A 345 -10.63 -15.99 -6.51
N LYS A 346 -10.65 -17.31 -6.77
CA LYS A 346 -11.09 -18.26 -5.76
C LYS A 346 -10.18 -18.22 -4.53
N TRP A 347 -8.86 -18.21 -4.75
CA TRP A 347 -7.93 -18.21 -3.62
C TRP A 347 -8.00 -16.89 -2.87
N THR A 348 -8.16 -15.78 -3.57
CA THR A 348 -8.24 -14.48 -2.89
C THR A 348 -9.48 -14.43 -2.01
N VAL A 349 -10.63 -14.82 -2.56
CA VAL A 349 -11.86 -14.82 -1.77
C VAL A 349 -11.76 -15.85 -0.64
N ASP A 350 -11.19 -17.02 -0.93
CA ASP A 350 -11.05 -18.05 0.11
C ASP A 350 -10.31 -17.51 1.34
N GLY A 351 -9.23 -16.75 1.11
CA GLY A 351 -8.47 -16.22 2.24
C GLY A 351 -9.26 -15.20 3.05
N LEU A 352 -10.04 -14.35 2.36
CA LEU A 352 -10.90 -13.40 3.06
C LEU A 352 -11.96 -14.14 3.88
N LYS A 353 -12.48 -15.26 3.36
CA LYS A 353 -13.41 -16.06 4.15
C LYS A 353 -12.74 -16.66 5.37
N ALA A 354 -11.51 -17.15 5.21
CA ALA A 354 -10.77 -17.72 6.35
C ALA A 354 -10.56 -16.66 7.43
N PHE A 355 -10.12 -15.47 7.04
CA PHE A 355 -9.89 -14.39 7.99
C PHE A 355 -11.18 -14.00 8.70
N ALA A 356 -12.29 -13.93 7.97
CA ALA A 356 -13.58 -13.67 8.60
C ALA A 356 -13.95 -14.78 9.58
N LYS A 357 -13.82 -16.03 9.16
CA LYS A 357 -14.27 -17.16 9.96
C LYS A 357 -13.50 -17.28 11.26
N TYR A 358 -12.19 -17.00 11.24
CA TYR A 358 -11.38 -17.21 12.43
C TYR A 358 -11.11 -15.95 13.24
N ALA A 359 -10.89 -14.82 12.58
CA ALA A 359 -10.36 -13.65 13.27
C ALA A 359 -11.40 -12.57 13.56
N TYR A 360 -12.50 -12.51 12.83
CA TYR A 360 -13.43 -11.40 13.00
C TYR A 360 -14.36 -11.66 14.18
N ASN A 361 -14.47 -10.68 15.06
CA ASN A 361 -15.40 -10.72 16.18
C ASN A 361 -16.52 -9.74 15.86
N ASP A 362 -17.69 -10.28 15.49
CA ASP A 362 -18.84 -9.45 15.15
C ASP A 362 -19.41 -8.72 16.37
N GLN A 363 -19.05 -9.13 17.59
CA GLN A 363 -19.59 -8.45 18.77
C GLN A 363 -19.07 -7.02 18.89
N ASP A 364 -17.83 -6.75 18.45
CA ASP A 364 -17.27 -5.41 18.61
C ASP A 364 -16.42 -4.97 17.41
N ASN A 365 -16.60 -5.59 16.25
CA ASN A 365 -15.89 -5.22 15.02
C ASN A 365 -14.38 -5.19 15.22
N THR A 366 -13.84 -6.27 15.78
CA THR A 366 -12.39 -6.40 15.90
C THR A 366 -11.91 -7.62 15.14
N PHE A 367 -10.64 -7.58 14.76
CA PHE A 367 -9.92 -8.76 14.35
C PHE A 367 -9.02 -9.22 15.48
N ARG A 368 -8.97 -10.51 15.69
CA ARG A 368 -8.10 -11.11 16.68
C ARG A 368 -6.68 -11.24 16.11
N PRO A 369 -5.65 -10.87 16.86
CA PRO A 369 -4.30 -11.31 16.45
C PRO A 369 -4.22 -12.82 16.54
N MET A 370 -3.62 -13.44 15.54
CA MET A 370 -3.64 -14.90 15.45
C MET A 370 -2.36 -15.42 14.82
N ILE A 371 -2.12 -16.72 15.02
CA ILE A 371 -1.22 -17.50 14.17
C ILE A 371 -2.07 -18.26 13.15
N ALA A 372 -1.52 -18.46 11.95
CA ALA A 372 -2.31 -19.01 10.85
C ALA A 372 -2.79 -20.43 11.09
N ASN A 373 -2.24 -21.15 12.09
CA ASN A 373 -2.80 -22.45 12.44
C ASN A 373 -4.14 -22.34 13.17
N GLY A 374 -4.63 -21.13 13.39
CA GLY A 374 -5.88 -20.92 14.09
C GLY A 374 -5.73 -20.50 15.55
N GLN A 375 -4.50 -20.37 16.03
CA GLN A 375 -4.25 -19.96 17.41
C GLN A 375 -4.69 -18.52 17.62
N ASP A 376 -5.57 -18.31 18.59
CA ASP A 376 -5.93 -16.97 19.04
C ASP A 376 -4.84 -16.42 19.94
N LEU A 377 -4.37 -15.21 19.65
CA LEU A 377 -3.40 -14.51 20.48
C LEU A 377 -4.02 -13.32 21.20
N SER A 378 -5.34 -13.21 21.21
CA SER A 378 -6.00 -12.10 21.87
C SER A 378 -5.56 -12.00 23.32
N ASN A 379 -5.08 -10.81 23.70
CA ASN A 379 -4.67 -10.47 25.05
C ASN A 379 -3.47 -11.27 25.54
N TYR A 380 -2.70 -11.83 24.63
CA TYR A 380 -1.48 -12.55 25.01
C TYR A 380 -0.39 -11.56 25.37
N THR A 381 0.27 -11.81 26.50
CA THR A 381 1.41 -11.00 26.94
C THR A 381 2.71 -11.64 26.44
N LEU A 382 3.48 -10.90 25.66
CA LEU A 382 4.75 -11.41 25.15
C LEU A 382 5.69 -11.74 26.31
N PRO A 383 6.23 -12.95 26.38
CA PRO A 383 7.06 -13.33 27.54
C PRO A 383 8.52 -12.99 27.38
N ARG A 384 8.94 -12.55 26.19
CA ARG A 384 10.33 -12.16 25.95
C ARG A 384 10.33 -11.09 24.87
N ASP A 385 11.43 -10.32 24.82
CA ASP A 385 11.63 -9.36 23.75
C ASP A 385 11.77 -10.08 22.42
N GLY A 386 11.48 -9.35 21.35
CA GLY A 386 11.62 -9.90 20.03
C GLY A 386 11.04 -8.98 18.98
N TYR A 387 10.94 -9.53 17.77
CA TYR A 387 10.57 -8.77 16.59
C TYR A 387 9.17 -8.18 16.70
N TYR A 388 8.30 -8.79 17.51
CA TYR A 388 6.89 -8.43 17.56
C TYR A 388 6.55 -7.59 18.78
N GLY A 389 7.53 -7.23 19.58
CA GLY A 389 7.32 -6.31 20.68
C GLY A 389 8.23 -6.64 21.84
N LYS A 390 8.34 -5.69 22.76
CA LYS A 390 9.09 -5.92 23.99
C LYS A 390 8.30 -6.87 24.90
N LYS A 391 9.04 -7.55 25.77
CA LYS A 391 8.41 -8.36 26.82
C LYS A 391 7.40 -7.52 27.58
N GLY A 392 6.23 -8.11 27.84
CA GLY A 392 5.16 -7.41 28.50
C GLY A 392 4.18 -6.74 27.57
N THR A 393 4.51 -6.61 26.28
CA THR A 393 3.55 -6.15 25.29
C THR A 393 2.35 -7.08 25.27
N VAL A 394 1.16 -6.51 25.19
CA VAL A 394 -0.08 -7.29 25.11
C VAL A 394 -0.64 -7.14 23.71
N LEU A 395 -0.81 -8.26 23.02
CA LEU A 395 -1.42 -8.26 21.69
C LEU A 395 -2.93 -8.17 21.85
N LYS A 396 -3.52 -7.09 21.34
CA LYS A 396 -4.94 -6.87 21.56
C LYS A 396 -5.73 -7.06 20.27
N PRO A 397 -6.99 -7.50 20.36
CA PRO A 397 -7.88 -7.39 19.20
C PRO A 397 -7.89 -5.95 18.72
N TYR A 398 -7.97 -5.77 17.41
CA TYR A 398 -7.87 -4.43 16.83
C TYR A 398 -9.08 -4.16 15.95
N LYS A 399 -9.52 -2.91 15.94
CA LYS A 399 -10.74 -2.57 15.21
C LYS A 399 -10.53 -2.76 13.72
N ALA A 400 -11.54 -3.33 13.08
CA ALA A 400 -11.53 -3.54 11.63
C ALA A 400 -11.84 -2.22 10.94
N GLY A 401 -10.84 -1.66 10.24
CA GLY A 401 -10.98 -0.38 9.59
C GLY A 401 -11.66 -0.45 8.24
N ASN A 402 -11.94 0.73 7.69
CA ASN A 402 -12.70 0.83 6.45
C ASN A 402 -11.95 0.29 5.25
N GLU A 403 -10.62 0.15 5.32
CA GLU A 403 -9.94 -0.52 4.22
C GLU A 403 -10.43 -1.95 4.06
N PHE A 404 -10.78 -2.63 5.16
CA PHE A 404 -11.35 -3.96 5.07
C PHE A 404 -12.80 -3.94 4.60
N LEU A 405 -13.51 -2.83 4.82
CA LEU A 405 -14.83 -2.71 4.22
C LEU A 405 -14.75 -2.79 2.70
N ILE A 406 -13.69 -2.21 2.11
CA ILE A 406 -13.50 -2.33 0.66
C ILE A 406 -13.25 -3.79 0.26
N SER A 407 -12.32 -4.45 0.95
CA SER A 407 -11.99 -5.85 0.63
C SER A 407 -13.22 -6.73 0.65
N TYR A 408 -14.00 -6.64 1.74
CA TYR A 408 -15.13 -7.53 1.87
C TYR A 408 -16.27 -7.15 0.94
N ALA A 409 -16.43 -5.86 0.64
CA ALA A 409 -17.42 -5.45 -0.36
C ALA A 409 -17.07 -6.03 -1.72
N ARG A 410 -15.80 -5.90 -2.14
CA ARG A 410 -15.42 -6.37 -3.47
C ARG A 410 -15.43 -7.88 -3.56
N ALA A 411 -15.06 -8.57 -2.48
CA ALA A 411 -15.13 -10.03 -2.49
C ALA A 411 -16.58 -10.50 -2.54
N TYR A 412 -17.47 -9.82 -1.81
CA TYR A 412 -18.88 -10.19 -1.85
C TYR A 412 -19.44 -10.06 -3.26
N ALA A 413 -19.03 -9.01 -3.99
CA ALA A 413 -19.52 -8.83 -5.35
C ALA A 413 -19.16 -10.02 -6.24
N ILE A 414 -18.03 -10.66 -5.97
CA ILE A 414 -17.60 -11.83 -6.72
C ILE A 414 -18.26 -13.10 -6.20
N ASP A 415 -18.53 -13.16 -4.89
CA ASP A 415 -19.08 -14.36 -4.25
C ASP A 415 -20.01 -13.87 -3.14
N ASN A 416 -21.32 -13.94 -3.38
CA ASN A 416 -22.32 -13.41 -2.46
C ASN A 416 -22.46 -14.26 -1.19
N ASP A 417 -21.37 -14.45 -0.48
CA ASP A 417 -21.37 -15.27 0.73
C ASP A 417 -21.81 -14.44 1.92
N PRO A 418 -22.85 -14.87 2.66
CA PRO A 418 -23.26 -14.10 3.84
C PRO A 418 -22.13 -13.86 4.84
N LEU A 419 -21.13 -14.74 4.89
CA LEU A 419 -20.01 -14.53 5.79
C LEU A 419 -19.22 -13.28 5.41
N LEU A 420 -19.06 -13.03 4.11
CA LEU A 420 -18.37 -11.80 3.70
C LEU A 420 -19.25 -10.57 3.96
N TRP A 421 -20.56 -10.70 3.72
CA TRP A 421 -21.45 -9.58 3.99
C TRP A 421 -21.43 -9.24 5.48
N LYS A 422 -21.34 -10.26 6.33
CA LYS A 422 -21.37 -10.05 7.77
C LYS A 422 -20.25 -9.11 8.20
N VAL A 423 -19.05 -9.30 7.66
CA VAL A 423 -17.92 -8.44 8.02
C VAL A 423 -18.16 -7.01 7.51
N ALA A 424 -18.59 -6.88 6.25
CA ALA A 424 -18.86 -5.55 5.72
C ALA A 424 -19.90 -4.82 6.58
N ARG A 425 -20.98 -5.52 6.92
CA ARG A 425 -22.04 -4.92 7.73
C ARG A 425 -21.52 -4.54 9.11
N GLY A 426 -20.70 -5.39 9.72
CA GLY A 426 -20.15 -5.08 11.03
C GLY A 426 -19.25 -3.86 11.01
N ILE A 427 -18.38 -3.78 10.00
CA ILE A 427 -17.48 -2.63 9.91
C ILE A 427 -18.29 -1.35 9.73
N ALA A 428 -19.23 -1.35 8.79
CA ALA A 428 -19.98 -0.13 8.49
C ALA A 428 -20.74 0.35 9.72
N ASN A 429 -21.34 -0.59 10.46
CA ASN A 429 -22.07 -0.23 11.67
C ASN A 429 -21.15 0.39 12.71
N ASP A 430 -19.99 -0.25 12.94
CA ASP A 430 -19.01 0.28 13.89
C ASP A 430 -18.52 1.66 13.47
N GLN A 431 -18.47 1.95 12.17
CA GLN A 431 -17.92 3.19 11.66
C GLN A 431 -18.95 4.32 11.59
N GLY A 432 -20.14 4.12 12.15
CA GLY A 432 -21.14 5.17 12.16
C GLY A 432 -21.93 5.32 10.89
N LEU A 433 -21.86 4.34 9.99
CA LEU A 433 -22.56 4.42 8.72
C LEU A 433 -23.97 3.87 8.76
N GLY A 434 -24.40 3.30 9.90
CA GLY A 434 -25.70 2.66 9.96
C GLY A 434 -25.64 1.20 9.53
N ASP A 435 -26.80 0.68 9.14
CA ASP A 435 -26.98 -0.73 8.79
C ASP A 435 -27.12 -0.85 7.28
N ILE A 436 -26.14 -1.49 6.64
CA ILE A 436 -26.19 -1.64 5.19
C ILE A 436 -27.18 -2.73 4.81
N GLY A 437 -27.77 -3.38 5.81
CA GLY A 437 -28.81 -4.36 5.58
C GLY A 437 -28.38 -5.77 5.97
N THR A 438 -29.38 -6.65 6.07
CA THR A 438 -29.10 -8.06 6.29
C THR A 438 -28.54 -8.73 5.04
N ALA A 439 -28.79 -8.13 3.89
CA ALA A 439 -28.20 -8.49 2.61
C ALA A 439 -28.27 -7.24 1.75
N PRO A 440 -27.59 -7.22 0.61
CA PRO A 440 -27.69 -6.03 -0.25
C PRO A 440 -29.14 -5.68 -0.56
N GLY A 441 -29.55 -4.47 -0.21
CA GLY A 441 -30.90 -4.01 -0.51
C GLY A 441 -31.98 -4.47 0.44
N LYS A 442 -31.65 -5.27 1.46
CA LYS A 442 -32.64 -5.86 2.35
C LYS A 442 -32.52 -5.25 3.73
N GLU A 443 -33.60 -4.61 4.18
CA GLU A 443 -33.66 -3.99 5.51
C GLU A 443 -32.50 -3.01 5.72
N VAL A 444 -32.24 -2.20 4.70
CA VAL A 444 -31.18 -1.21 4.75
C VAL A 444 -31.63 -0.02 5.58
N LYS A 445 -30.78 0.39 6.54
CA LYS A 445 -31.03 1.55 7.37
C LYS A 445 -29.70 2.28 7.58
N VAL A 446 -29.21 2.93 6.51
CA VAL A 446 -27.94 3.63 6.62
C VAL A 446 -28.15 4.97 7.30
N ASN A 447 -27.07 5.50 7.87
CA ASN A 447 -27.10 6.72 8.68
C ASN A 447 -26.79 7.91 7.78
N MET A 448 -27.85 8.53 7.24
CA MET A 448 -27.62 9.67 6.35
C MET A 448 -27.13 10.89 7.10
N ASP A 449 -27.09 10.86 8.42
CA ASP A 449 -26.51 11.93 9.23
C ASP A 449 -25.13 11.57 9.74
N THR A 450 -24.50 10.56 9.15
CA THR A 450 -23.16 10.18 9.60
C THR A 450 -22.21 11.37 9.50
N THR A 451 -21.25 11.41 10.42
CA THR A 451 -20.16 12.37 10.35
C THR A 451 -18.91 11.76 9.75
N ASN A 452 -18.99 10.50 9.31
CA ASN A 452 -17.82 9.81 8.79
C ASN A 452 -17.22 10.56 7.61
N SER A 453 -15.90 10.74 7.62
CA SER A 453 -15.22 11.43 6.52
C SER A 453 -14.04 10.61 5.99
N ASP A 454 -14.11 9.30 6.15
CA ASP A 454 -13.01 8.42 5.76
C ASP A 454 -13.09 8.10 4.26
N PRO A 455 -12.08 8.46 3.47
CA PRO A 455 -12.15 8.13 2.03
C PRO A 455 -12.28 6.64 1.78
N TYR A 456 -11.74 5.80 2.67
CA TYR A 456 -11.91 4.35 2.51
C TYR A 456 -13.38 3.96 2.55
N ALA A 457 -14.15 4.58 3.45
CA ALA A 457 -15.58 4.28 3.54
C ALA A 457 -16.30 4.71 2.27
N LEU A 458 -15.93 5.87 1.73
CA LEU A 458 -16.50 6.32 0.47
C LEU A 458 -16.22 5.33 -0.65
N PHE A 459 -14.95 4.93 -0.82
CA PHE A 459 -14.63 3.91 -1.82
C PHE A 459 -15.49 2.66 -1.64
N ALA A 460 -15.61 2.19 -0.40
CA ALA A 460 -16.31 0.92 -0.16
C ALA A 460 -17.79 1.03 -0.49
N LEU A 461 -18.40 2.16 -0.12
CA LEU A 461 -19.82 2.33 -0.43
C LEU A 461 -20.05 2.39 -1.93
N LEU A 462 -19.12 2.99 -2.68
CA LEU A 462 -19.23 2.97 -4.14
C LEU A 462 -19.16 1.54 -4.67
N ASP A 463 -18.31 0.70 -4.07
CA ASP A 463 -18.25 -0.70 -4.47
C ASP A 463 -19.54 -1.42 -4.12
N LEU A 464 -20.10 -1.15 -2.93
CA LEU A 464 -21.39 -1.75 -2.59
C LEU A 464 -22.46 -1.29 -3.55
N TYR A 465 -22.43 -0.01 -3.92
CA TYR A 465 -23.42 0.53 -4.86
C TYR A 465 -23.27 -0.11 -6.23
N HIS A 466 -22.04 -0.19 -6.75
CA HIS A 466 -21.86 -0.69 -8.10
C HIS A 466 -22.40 -2.11 -8.23
N ALA A 467 -22.18 -2.95 -7.24
CA ALA A 467 -22.56 -4.36 -7.35
C ALA A 467 -24.05 -4.57 -7.14
N SER A 468 -24.67 -3.77 -6.28
CA SER A 468 -26.06 -4.00 -5.88
C SER A 468 -27.04 -3.02 -6.52
N GLN A 469 -26.55 -1.86 -6.97
CA GLN A 469 -27.37 -0.79 -7.53
C GLN A 469 -28.40 -0.27 -6.52
N VAL A 470 -28.09 -0.39 -5.23
CA VAL A 470 -28.96 0.11 -4.18
C VAL A 470 -28.67 1.59 -3.95
N ALA A 471 -29.67 2.43 -4.26
CA ALA A 471 -29.46 3.88 -4.26
C ALA A 471 -28.93 4.39 -2.92
N ASP A 472 -29.41 3.82 -1.81
CA ASP A 472 -29.00 4.30 -0.50
C ASP A 472 -27.50 4.22 -0.29
N TYR A 473 -26.80 3.28 -0.93
CA TYR A 473 -25.36 3.18 -0.73
C TYR A 473 -24.62 4.35 -1.36
N ARG A 474 -25.03 4.78 -2.55
CA ARG A 474 -24.39 5.94 -3.16
C ARG A 474 -24.84 7.25 -2.51
N LYS A 475 -26.10 7.33 -2.05
CA LYS A 475 -26.51 8.50 -1.28
C LYS A 475 -25.65 8.66 -0.03
N LEU A 476 -25.36 7.56 0.66
CA LEU A 476 -24.45 7.63 1.81
C LEU A 476 -23.05 8.02 1.37
N ALA A 477 -22.59 7.48 0.24
CA ALA A 477 -21.29 7.87 -0.29
C ALA A 477 -21.22 9.38 -0.55
N GLU A 478 -22.31 9.97 -1.06
CA GLU A 478 -22.34 11.42 -1.26
C GLU A 478 -22.21 12.16 0.07
N LYS A 479 -22.84 11.64 1.13
CA LYS A 479 -22.72 12.25 2.45
C LYS A 479 -21.27 12.21 2.94
N ILE A 480 -20.60 11.07 2.78
CA ILE A 480 -19.20 11.00 3.19
C ILE A 480 -18.35 11.97 2.38
N GLY A 481 -18.63 12.05 1.08
CA GLY A 481 -17.94 13.04 0.25
C GLY A 481 -18.12 14.46 0.76
N ASP A 482 -19.35 14.82 1.12
CA ASP A 482 -19.59 16.16 1.64
C ASP A 482 -18.85 16.37 2.97
N ASN A 483 -18.81 15.32 3.81
CA ASN A 483 -18.06 15.38 5.06
C ASN A 483 -16.57 15.59 4.80
N ILE A 484 -16.03 14.90 3.79
CA ILE A 484 -14.62 15.05 3.45
C ILE A 484 -14.32 16.51 3.11
N ILE A 485 -15.18 17.11 2.28
CA ILE A 485 -14.98 18.50 1.89
C ILE A 485 -15.16 19.43 3.09
N LYS A 486 -16.18 19.16 3.92
CA LYS A 486 -16.46 20.05 5.04
C LYS A 486 -15.34 20.01 6.09
N THR A 487 -14.80 18.83 6.40
CA THR A 487 -13.90 18.70 7.54
C THR A 487 -12.44 18.46 7.17
N ARG A 488 -12.14 17.97 5.97
CA ARG A 488 -10.76 17.66 5.64
C ARG A 488 -10.16 18.57 4.58
N TYR A 489 -10.95 19.40 3.91
CA TYR A 489 -10.43 20.35 2.93
C TYR A 489 -10.12 21.64 3.67
N ILE A 490 -8.83 21.86 3.94
CA ILE A 490 -8.35 22.87 4.88
C ILE A 490 -7.20 23.62 4.23
N ASP A 491 -7.32 24.94 4.13
CA ASP A 491 -6.30 25.79 3.49
C ASP A 491 -5.91 25.27 2.10
N GLY A 492 -6.90 24.74 1.38
CA GLY A 492 -6.70 24.29 0.00
C GLY A 492 -6.09 22.91 -0.17
N PHE A 493 -5.83 22.18 0.90
CA PHE A 493 -5.29 20.83 0.87
C PHE A 493 -6.23 19.90 1.63
N PHE A 494 -5.93 18.61 1.59
CA PHE A 494 -6.69 17.61 2.35
C PHE A 494 -5.83 17.09 3.48
N MET A 495 -6.38 17.12 4.70
CA MET A 495 -5.66 16.69 5.89
C MET A 495 -6.57 15.89 6.79
N ALA A 496 -5.97 14.93 7.52
CA ALA A 496 -6.75 14.05 8.38
C ALA A 496 -7.22 14.75 9.63
N SER A 497 -6.58 15.86 10.00
CA SER A 497 -6.95 16.67 11.15
C SER A 497 -6.53 18.10 10.88
N PRO A 498 -7.28 19.09 11.36
CA PRO A 498 -6.87 20.48 11.14
C PRO A 498 -5.60 20.87 11.88
N ASP A 499 -5.12 20.02 12.77
CA ASP A 499 -3.92 20.31 13.53
C ASP A 499 -2.66 19.77 12.87
N ARG A 500 -2.79 18.97 11.81
CA ARG A 500 -1.60 18.40 11.19
CA ARG A 500 -1.60 18.39 11.19
C ARG A 500 -0.70 19.49 10.63
N GLN A 501 0.60 19.32 10.81
CA GLN A 501 1.57 20.28 10.30
C GLN A 501 1.62 20.27 8.77
N TYR A 502 1.69 19.09 8.16
CA TYR A 502 1.89 18.96 6.72
C TYR A 502 0.75 18.19 6.07
N ALA A 503 0.35 18.65 4.90
CA ALA A 503 -0.54 17.90 4.03
C ALA A 503 0.26 17.06 3.05
N ASP A 504 -0.25 15.85 2.79
CA ASP A 504 0.35 14.90 1.86
C ASP A 504 -0.29 15.09 0.49
N VAL A 505 0.51 15.43 -0.53
CA VAL A 505 -0.05 15.59 -1.87
C VAL A 505 -0.59 14.28 -2.42
N ASP A 506 -0.25 13.14 -1.80
CA ASP A 506 -0.75 11.84 -2.22
C ASP A 506 -2.04 11.45 -1.50
N ALA A 507 -2.66 12.40 -0.77
CA ALA A 507 -3.91 12.13 -0.06
C ALA A 507 -4.95 11.49 -0.95
N ILE A 508 -5.68 10.51 -0.40
CA ILE A 508 -6.67 9.79 -1.21
C ILE A 508 -8.06 10.39 -1.08
N GLU A 509 -8.27 11.38 -0.21
CA GLU A 509 -9.56 12.08 -0.19
C GLU A 509 -9.99 12.55 -1.57
N PRO A 510 -9.16 13.26 -2.36
CA PRO A 510 -9.63 13.67 -3.71
C PRO A 510 -9.81 12.51 -4.66
N TYR A 511 -9.08 11.41 -4.46
CA TYR A 511 -9.27 10.20 -5.26
C TYR A 511 -10.67 9.61 -5.01
N ALA A 512 -11.08 9.51 -3.75
CA ALA A 512 -12.43 9.05 -3.43
C ALA A 512 -13.48 10.01 -4.00
N LEU A 513 -13.25 11.31 -3.91
CA LEU A 513 -14.22 12.26 -4.47
C LEU A 513 -14.34 12.09 -5.98
N LEU A 514 -13.22 11.83 -6.66
CA LEU A 514 -13.28 11.64 -8.11
C LEU A 514 -13.98 10.34 -8.47
N ALA A 515 -13.76 9.28 -7.69
CA ALA A 515 -14.46 8.03 -7.96
C ALA A 515 -15.97 8.23 -7.78
N LEU A 516 -16.37 9.03 -6.80
CA LEU A 516 -17.77 9.34 -6.61
C LEU A 516 -18.32 10.12 -7.80
N GLU A 517 -17.61 11.15 -8.23
CA GLU A 517 -18.03 11.90 -9.41
C GLU A 517 -18.13 11.01 -10.64
N ALA A 518 -17.14 10.11 -10.81
CA ALA A 518 -17.17 9.23 -11.97
C ALA A 518 -18.39 8.33 -11.94
N SER A 519 -18.76 7.84 -10.75
CA SER A 519 -19.94 7.01 -10.61
C SER A 519 -21.20 7.79 -10.99
N LEU A 520 -21.36 8.99 -10.42
CA LEU A 520 -22.56 9.79 -10.69
C LEU A 520 -22.66 10.18 -12.17
N ARG A 521 -21.53 10.34 -12.85
CA ARG A 521 -21.51 10.69 -14.28
C ARG A 521 -21.53 9.48 -15.20
N ASN A 522 -21.67 8.28 -14.64
CA ASN A 522 -21.69 7.03 -15.41
C ASN A 522 -20.42 6.85 -16.24
N LYS A 523 -19.29 7.25 -15.67
CA LYS A 523 -17.97 7.03 -16.29
C LYS A 523 -17.00 6.45 -15.27
N PRO A 524 -17.31 5.30 -14.67
CA PRO A 524 -16.40 4.77 -13.64
C PRO A 524 -14.99 4.51 -14.15
N GLN A 525 -14.83 4.17 -15.44
CA GLN A 525 -13.51 3.92 -16.01
C GLN A 525 -12.66 5.18 -16.19
N ALA A 526 -13.20 6.38 -15.94
CA ALA A 526 -12.43 7.62 -16.01
C ALA A 526 -11.40 7.72 -14.90
N VAL A 527 -11.52 6.92 -13.85
CA VAL A 527 -10.64 7.00 -12.68
C VAL A 527 -10.05 5.61 -12.44
N ALA A 528 -8.73 5.55 -12.27
CA ALA A 528 -8.06 4.26 -12.15
C ALA A 528 -8.59 3.47 -10.95
N PRO A 529 -8.62 2.14 -11.03
CA PRO A 529 -9.10 1.36 -9.90
C PRO A 529 -8.25 1.56 -8.66
N PHE A 530 -8.91 1.73 -7.53
CA PHE A 530 -8.22 1.99 -6.27
C PHE A 530 -7.74 0.69 -5.63
N LEU A 531 -6.42 0.59 -5.47
CA LEU A 531 -5.79 -0.61 -4.92
C LEU A 531 -5.16 -0.36 -3.55
N ASN A 532 -5.32 0.84 -2.99
CA ASN A 532 -4.78 1.16 -1.66
C ASN A 532 -3.26 1.09 -1.65
N GLY A 533 -2.63 1.58 -2.72
CA GLY A 533 -1.20 1.79 -2.69
C GLY A 533 -0.83 3.10 -2.00
N ALA A 534 0.44 3.20 -1.61
CA ALA A 534 0.98 4.43 -1.04
C ALA A 534 2.49 4.31 -1.03
N GLY A 535 3.15 5.44 -0.81
CA GLY A 535 4.60 5.43 -0.74
C GLY A 535 5.11 5.86 0.62
N PHE A 536 6.37 5.55 0.89
CA PHE A 536 6.99 5.98 2.13
C PHE A 536 8.48 6.12 1.88
N THR A 537 9.13 6.85 2.77
CA THR A 537 10.55 7.13 2.75
C THR A 537 11.08 6.85 4.14
N GLU A 538 12.14 6.07 4.24
CA GLU A 538 12.68 5.64 5.53
C GLU A 538 14.20 5.79 5.55
N GLY A 539 14.70 6.39 6.63
CA GLY A 539 16.14 6.49 6.83
C GLY A 539 16.45 7.20 8.11
N ALA A 540 17.71 7.54 8.29
CA ALA A 540 18.14 8.35 9.42
C ALA A 540 17.72 9.80 9.20
N TYR A 541 17.23 10.43 10.26
CA TYR A 541 16.78 11.81 10.22
C TYR A 541 17.44 12.54 11.39
N ARG A 542 18.04 13.70 11.11
CA ARG A 542 18.85 14.40 12.10
C ARG A 542 17.96 15.20 13.05
N MET A 543 18.11 14.94 14.35
CA MET A 543 17.41 15.68 15.39
C MET A 543 18.08 17.02 15.62
N ASP A 544 17.38 17.91 16.34
CA ASP A 544 17.91 19.25 16.57
C ASP A 544 19.21 19.23 17.37
N ASP A 545 19.40 18.24 18.23
CA ASP A 545 20.63 18.13 18.99
C ASP A 545 21.75 17.45 18.20
N GLY A 546 21.57 17.29 16.89
CA GLY A 546 22.57 16.68 16.05
C GLY A 546 22.55 15.16 16.03
N SER A 547 21.74 14.54 16.88
CA SER A 547 21.72 13.08 16.94
C SER A 547 20.94 12.51 15.77
N ALA A 548 21.17 11.23 15.49
CA ALA A 548 20.53 10.52 14.39
C ALA A 548 19.33 9.75 14.93
N ARG A 549 18.16 10.01 14.37
CA ARG A 549 16.96 9.24 14.66
C ARG A 549 16.84 8.19 13.57
N VAL A 550 17.23 6.97 13.89
CA VAL A 550 17.30 5.91 12.89
C VAL A 550 15.88 5.41 12.61
N SER A 551 15.69 4.89 11.40
CA SER A 551 14.42 4.32 10.96
C SER A 551 13.28 5.33 11.04
N THR A 552 13.57 6.60 10.75
CA THR A 552 12.53 7.61 10.65
C THR A 552 11.79 7.44 9.32
N ARG A 553 10.46 7.58 9.37
CA ARG A 553 9.62 7.49 8.17
C ARG A 553 8.91 8.81 7.92
N ASP A 554 8.73 9.13 6.63
CA ASP A 554 7.94 10.32 6.33
C ASP A 554 6.52 10.18 6.86
N ASN A 555 6.03 8.95 7.02
CA ASN A 555 4.72 8.75 7.65
C ASN A 555 4.66 9.41 9.01
N GLU A 556 5.77 9.34 9.76
CA GLU A 556 5.81 9.95 11.07
C GLU A 556 5.74 11.46 10.98
N LEU A 557 6.41 12.04 9.98
CA LEU A 557 6.36 13.48 9.77
C LEU A 557 4.94 13.96 9.46
N PHE A 558 4.18 13.17 8.70
CA PHE A 558 2.80 13.50 8.38
C PHE A 558 1.85 13.30 9.55
N LEU A 559 2.28 12.66 10.64
CA LEU A 559 1.44 12.55 11.83
C LEU A 559 1.65 13.70 12.80
N LEU A 560 2.67 14.52 12.58
CA LEU A 560 2.96 15.59 13.53
C LEU A 560 1.89 16.67 13.46
N ASN A 561 1.48 17.16 14.62
CA ASN A 561 0.65 18.34 14.68
C ASN A 561 1.52 19.58 14.88
N VAL A 562 0.91 20.76 14.74
CA VAL A 562 1.66 22.00 14.92
C VAL A 562 2.30 22.01 16.30
N GLY A 563 3.58 22.37 16.35
CA GLY A 563 4.27 22.45 17.62
C GLY A 563 4.84 21.13 18.11
N GLU A 564 4.65 20.04 17.37
CA GLU A 564 5.19 18.76 17.76
C GLU A 564 6.46 18.46 16.97
N LYS A 565 7.35 17.70 17.60
CA LYS A 565 8.57 17.25 16.97
C LYS A 565 8.68 15.73 17.11
N LEU A 566 9.47 15.12 16.23
CA LEU A 566 9.79 13.72 16.38
C LEU A 566 10.51 13.50 17.71
N GLN A 567 10.19 12.43 18.34
CA GLN A 567 10.80 12.05 19.60
C GLN A 567 11.88 11.00 19.36
N PRO A 568 12.96 11.01 20.17
CA PRO A 568 14.01 9.98 20.09
C PRO A 568 13.48 8.55 20.28
#